data_6OH2
#
_entry.id   6OH2
#
_cell.length_a   144.540
_cell.length_b   49.530
_cell.length_c   50.150
_cell.angle_alpha   90.00
_cell.angle_beta   107.63
_cell.angle_gamma   90.00
#
_symmetry.space_group_name_H-M   'C 1 2 1'
#
loop_
_entity.id
_entity.type
_entity.pdbx_description
1 polymer 'CMP-sialic acid transporter'
2 non-polymer "CYTIDINE-5'-MONOPHOSPHATE"
3 water water
#
_entity_poly.entity_id   1
_entity_poly.type   'polypeptide(L)'
_entity_poly.pdbx_seq_one_letter_code
;MAPARENVSLFFKLYCLTVMTLVAAAYTVALRYTRTTAEELYFSTTAVCITEVIKLLISVGLLAKETGSLGRFKASLSEN
VLGSPKELAKLSVPSLVYAVQNNMAFLALSNLDAAVYQVTYQLKIPCTALCTVLMLNRTLSKLQWISVFMLCGGVTLVQW
KPAQATKVVVAQNPLLGFGAIAIAVLCSGFAGVYFEKVLKSSDTSLWVRNIQMYLSGIVVTLAGTYLSDGAEIQEKGFFY
GYTYYVWFVIFLASVGGLYTSVVVKYTDNIMKGFSAAAAIVLSTIASVLLFGLQITLSFALGALLVCVSIYLYGLPRQDT
TSNSLEVLFQ
;
_entity_poly.pdbx_strand_id   A
#
loop_
_chem_comp.id
_chem_comp.type
_chem_comp.name
_chem_comp.formula
C5P non-polymer CYTIDINE-5'-MONOPHOSPHATE 'C9 H14 N3 O8 P'
#
# COMPACT_ATOMS: atom_id res chain seq x y z
N TYR A 15 -11.44 -5.97 -12.75
CA TYR A 15 -10.00 -5.75 -13.07
C TYR A 15 -9.25 -5.14 -11.89
N CYS A 16 -9.77 -4.03 -11.38
CA CYS A 16 -9.13 -3.27 -10.30
C CYS A 16 -8.94 -4.02 -8.98
N LEU A 17 -9.66 -5.12 -8.79
CA LEU A 17 -9.49 -5.98 -7.62
C LEU A 17 -8.65 -7.23 -7.93
N THR A 18 -8.71 -7.73 -9.16
CA THR A 18 -7.82 -8.83 -9.60
C THR A 18 -6.35 -8.38 -9.74
N VAL A 19 -6.13 -7.16 -10.22
CA VAL A 19 -4.79 -6.54 -10.23
C VAL A 19 -4.29 -6.38 -8.79
N MET A 20 -5.15 -5.80 -7.96
CA MET A 20 -4.84 -5.54 -6.55
C MET A 20 -4.35 -6.79 -5.78
N THR A 21 -4.95 -7.95 -6.04
CA THR A 21 -4.58 -9.20 -5.35
C THR A 21 -3.32 -9.87 -5.89
N LEU A 22 -3.25 -10.03 -7.21
CA LEU A 22 -2.05 -10.59 -7.83
C LEU A 22 -0.83 -9.66 -7.64
N VAL A 23 -1.09 -8.40 -7.30
CA VAL A 23 -0.07 -7.49 -6.79
C VAL A 23 0.15 -7.65 -5.27
N ALA A 24 -0.92 -7.89 -4.51
CA ALA A 24 -0.81 -8.18 -3.06
C ALA A 24 0.00 -9.45 -2.79
N ALA A 25 -0.34 -10.53 -3.47
CA ALA A 25 0.36 -11.82 -3.35
C ALA A 25 1.85 -11.71 -3.73
N ALA A 26 2.10 -11.21 -4.93
CA ALA A 26 3.45 -11.16 -5.49
C ALA A 26 4.38 -10.14 -4.84
N TYR A 27 3.84 -9.07 -4.24
CA TYR A 27 4.68 -7.97 -3.72
C TYR A 27 5.56 -8.36 -2.53
N THR A 28 4.95 -8.86 -1.47
CA THR A 28 5.71 -9.19 -0.25
C THR A 28 6.63 -10.41 -0.41
N VAL A 29 6.24 -11.34 -1.28
CA VAL A 29 7.06 -12.51 -1.62
C VAL A 29 8.28 -12.08 -2.45
N ALA A 30 8.06 -11.26 -3.47
CA ALA A 30 9.14 -10.78 -4.36
C ALA A 30 10.15 -9.91 -3.61
N LEU A 31 9.65 -9.02 -2.75
CA LEU A 31 10.48 -8.17 -1.89
C LEU A 31 11.30 -9.00 -0.89
N ARG A 32 10.63 -9.89 -0.18
CA ARG A 32 11.29 -10.82 0.76
C ARG A 32 12.45 -11.55 0.10
N TYR A 33 12.17 -12.11 -1.07
CA TYR A 33 13.19 -12.77 -1.90
C TYR A 33 14.39 -11.86 -2.19
N THR A 34 14.13 -10.67 -2.73
CA THR A 34 15.22 -9.74 -3.13
C THR A 34 16.08 -9.28 -1.95
N ARG A 35 15.49 -9.22 -0.76
CA ARG A 35 16.22 -8.85 0.46
C ARG A 35 17.05 -9.99 1.07
N THR A 36 16.75 -11.25 0.78
CA THR A 36 17.42 -12.41 1.41
C THR A 36 18.38 -13.23 0.56
N THR A 37 18.22 -13.21 -0.76
CA THR A 37 19.02 -14.06 -1.65
C THR A 37 20.23 -13.35 -2.25
N ALA A 38 20.24 -12.03 -2.20
CA ALA A 38 21.26 -11.24 -2.88
C ALA A 38 22.65 -11.44 -2.25
N GLU A 39 23.69 -11.39 -3.08
CA GLU A 39 25.07 -11.22 -2.62
C GLU A 39 25.32 -9.71 -2.53
N GLU A 40 25.27 -9.03 -3.68
CA GLU A 40 25.29 -7.56 -3.74
C GLU A 40 23.89 -7.03 -3.45
N LEU A 41 23.72 -6.33 -2.32
CA LEU A 41 22.41 -5.92 -1.80
C LEU A 41 22.06 -4.44 -2.05
N TYR A 42 20.93 -4.21 -2.71
CA TYR A 42 20.45 -2.85 -3.04
C TYR A 42 19.97 -2.01 -1.86
N PHE A 43 20.03 -0.69 -2.04
CA PHE A 43 19.54 0.28 -1.05
C PHE A 43 18.04 0.46 -1.24
N SER A 44 17.26 -0.08 -0.30
CA SER A 44 15.79 -0.07 -0.41
C SER A 44 15.15 1.33 -0.34
N THR A 45 15.85 2.32 0.20
CA THR A 45 15.41 3.72 0.17
C THR A 45 15.25 4.23 -1.28
N THR A 46 16.12 3.73 -2.17
CA THR A 46 16.10 4.12 -3.57
C THR A 46 14.89 3.55 -4.28
N ALA A 47 14.57 2.29 -4.00
CA ALA A 47 13.42 1.61 -4.61
C ALA A 47 12.11 2.33 -4.30
N VAL A 48 11.96 2.77 -3.06
CA VAL A 48 10.79 3.52 -2.63
C VAL A 48 10.68 4.84 -3.41
N CYS A 49 11.81 5.52 -3.61
CA CYS A 49 11.86 6.77 -4.39
C CYS A 49 11.45 6.57 -5.86
N ILE A 50 12.02 5.56 -6.50
CA ILE A 50 11.71 5.21 -7.89
C ILE A 50 10.22 4.86 -8.05
N THR A 51 9.61 4.27 -7.02
CA THR A 51 8.19 3.93 -7.05
C THR A 51 7.31 5.18 -7.21
N GLU A 52 7.62 6.23 -6.45
CA GLU A 52 6.91 7.51 -6.55
C GLU A 52 7.06 8.15 -7.94
N VAL A 53 8.25 8.02 -8.53
CA VAL A 53 8.52 8.54 -9.87
C VAL A 53 7.61 7.83 -10.88
N ILE A 54 7.58 6.51 -10.84
CA ILE A 54 6.76 5.72 -11.78
C ILE A 54 5.27 6.03 -11.63
N LYS A 55 4.80 6.06 -10.37
CA LYS A 55 3.41 6.43 -10.08
C LYS A 55 3.06 7.84 -10.55
N LEU A 56 3.98 8.79 -10.37
CA LEU A 56 3.80 10.15 -10.91
C LEU A 56 3.61 10.11 -12.41
N LEU A 57 4.44 9.33 -13.09
CA LEU A 57 4.45 9.24 -14.54
C LEU A 57 3.20 8.55 -15.11
N ILE A 58 2.73 7.47 -14.50
CA ILE A 58 1.46 6.84 -14.89
C ILE A 58 0.30 7.82 -14.65
N SER A 59 0.31 8.48 -13.49
CA SER A 59 -0.74 9.44 -13.11
C SER A 59 -0.83 10.62 -14.06
N VAL A 60 0.33 11.13 -14.50
CA VAL A 60 0.40 12.20 -15.50
C VAL A 60 -0.17 11.71 -16.83
N GLY A 61 0.15 10.48 -17.19
CA GLY A 61 -0.42 9.85 -18.37
C GLY A 61 -1.95 9.78 -18.31
N LEU A 62 -2.47 9.28 -17.18
CA LEU A 62 -3.93 9.15 -16.96
C LEU A 62 -4.69 10.48 -16.94
N LEU A 63 -4.06 11.55 -16.45
CA LEU A 63 -4.66 12.89 -16.48
C LEU A 63 -4.87 13.39 -17.92
N ALA A 64 -3.93 13.10 -18.82
CA ALA A 64 -4.05 13.48 -20.23
C ALA A 64 -5.22 12.74 -20.89
N LYS A 65 -5.42 11.48 -20.54
CA LYS A 65 -6.56 10.69 -21.03
C LYS A 65 -7.89 11.27 -20.56
N GLU A 66 -7.97 11.56 -19.27
CA GLU A 66 -9.17 12.08 -18.60
C GLU A 66 -9.58 13.47 -19.14
N THR A 67 -8.66 14.44 -19.06
CA THR A 67 -8.86 15.77 -19.68
C THR A 67 -9.10 15.65 -21.19
N GLY A 68 -8.48 14.62 -21.79
CA GLY A 68 -8.76 14.23 -23.16
C GLY A 68 -8.22 15.15 -24.23
N SER A 69 -7.32 16.06 -23.87
CA SER A 69 -6.78 17.05 -24.80
C SER A 69 -5.48 17.63 -24.27
N LEU A 70 -4.53 17.91 -25.15
CA LEU A 70 -3.27 18.55 -24.80
C LEU A 70 -3.47 19.89 -24.07
N GLY A 71 -4.37 20.72 -24.62
CA GLY A 71 -4.68 22.03 -24.03
C GLY A 71 -5.43 21.97 -22.71
N ARG A 72 -6.30 20.98 -22.56
CA ARG A 72 -7.01 20.76 -21.29
C ARG A 72 -6.11 20.11 -20.23
N PHE A 73 -5.25 19.19 -20.67
CA PHE A 73 -4.17 18.61 -19.85
C PHE A 73 -3.24 19.67 -19.25
N LYS A 74 -2.69 20.52 -20.11
CA LYS A 74 -1.84 21.65 -19.70
C LYS A 74 -2.52 22.63 -18.75
N ALA A 75 -3.78 22.95 -19.04
CA ALA A 75 -4.58 23.87 -18.22
C ALA A 75 -4.86 23.30 -16.84
N SER A 76 -5.02 21.98 -16.75
CA SER A 76 -5.21 21.31 -15.48
C SER A 76 -3.95 21.34 -14.62
N LEU A 77 -2.78 21.11 -15.22
CA LEU A 77 -1.50 21.22 -14.49
C LEU A 77 -1.23 22.66 -14.05
N SER A 78 -1.58 23.62 -14.89
CA SER A 78 -1.51 25.03 -14.51
C SER A 78 -2.39 25.33 -13.30
N GLU A 79 -3.69 25.11 -13.42
CA GLU A 79 -4.64 25.40 -12.34
C GLU A 79 -4.39 24.58 -11.08
N ASN A 80 -4.20 23.27 -11.23
CA ASN A 80 -4.21 22.34 -10.08
C ASN A 80 -2.84 21.95 -9.49
N VAL A 81 -1.74 22.17 -10.19
CA VAL A 81 -0.40 22.02 -9.60
C VAL A 81 0.25 23.39 -9.39
N LEU A 82 0.43 24.13 -10.48
CA LEU A 82 1.12 25.43 -10.43
C LEU A 82 0.33 26.53 -9.72
N GLY A 83 -0.99 26.44 -9.71
CA GLY A 83 -1.84 27.44 -9.05
C GLY A 83 -2.54 26.94 -7.79
N SER A 84 -2.10 25.80 -7.25
CA SER A 84 -2.70 25.23 -6.04
C SER A 84 -1.63 24.82 -5.04
N PRO A 85 -0.84 25.79 -4.55
CA PRO A 85 0.22 25.47 -3.57
C PRO A 85 -0.26 24.92 -2.22
N LYS A 86 -1.44 25.34 -1.75
CA LYS A 86 -1.99 24.84 -0.47
C LYS A 86 -2.39 23.35 -0.55
N GLU A 87 -2.78 22.90 -1.73
CA GLU A 87 -3.10 21.48 -1.95
C GLU A 87 -1.80 20.64 -1.95
N LEU A 88 -0.73 21.18 -2.50
CA LEU A 88 0.60 20.55 -2.41
C LEU A 88 1.12 20.52 -0.97
N ALA A 89 0.96 21.64 -0.25
CA ALA A 89 1.33 21.71 1.17
C ALA A 89 0.64 20.62 1.99
N LYS A 90 -0.69 20.56 1.89
CA LYS A 90 -1.52 19.54 2.58
C LYS A 90 -1.06 18.10 2.29
N LEU A 91 -1.05 17.75 1.01
CA LEU A 91 -0.67 16.39 0.55
C LEU A 91 0.81 15.99 0.75
N SER A 92 1.67 16.95 1.11
CA SER A 92 3.03 16.64 1.52
C SER A 92 3.07 15.85 2.85
N VAL A 93 2.04 15.98 3.69
CA VAL A 93 1.95 15.29 4.98
C VAL A 93 1.81 13.76 4.82
N PRO A 94 0.81 13.29 4.04
CA PRO A 94 0.71 11.85 3.83
C PRO A 94 1.81 11.25 2.95
N SER A 95 2.42 12.03 2.06
CA SER A 95 3.60 11.55 1.33
C SER A 95 4.84 11.43 2.25
N LEU A 96 4.91 12.27 3.27
CA LEU A 96 5.91 12.12 4.34
C LEU A 96 5.67 10.85 5.16
N VAL A 97 4.40 10.59 5.48
CA VAL A 97 4.02 9.42 6.25
C VAL A 97 4.17 8.14 5.40
N TYR A 98 3.73 8.18 4.15
CA TYR A 98 3.92 7.06 3.23
C TYR A 98 5.39 6.79 2.92
N ALA A 99 6.23 7.83 2.94
CA ALA A 99 7.67 7.64 2.78
C ALA A 99 8.24 6.78 3.91
N VAL A 100 7.75 7.00 5.13
CA VAL A 100 8.14 6.16 6.27
C VAL A 100 7.53 4.76 6.14
N GLN A 101 6.20 4.68 5.95
CA GLN A 101 5.49 3.40 5.75
C GLN A 101 6.17 2.47 4.74
N ASN A 102 6.40 3.00 3.55
CA ASN A 102 6.93 2.21 2.44
C ASN A 102 8.37 1.76 2.72
N ASN A 103 9.16 2.65 3.32
CA ASN A 103 10.51 2.28 3.77
C ASN A 103 10.51 1.25 4.89
N MET A 104 9.52 1.35 5.79
CA MET A 104 9.35 0.38 6.87
C MET A 104 8.99 -1.01 6.35
N ALA A 105 8.20 -1.09 5.28
CA ALA A 105 7.85 -2.37 4.64
C ALA A 105 9.11 -3.10 4.16
N PHE A 106 9.98 -2.38 3.46
CA PHE A 106 11.29 -2.90 3.02
C PHE A 106 12.17 -3.36 4.18
N LEU A 107 12.19 -2.58 5.25
CA LEU A 107 12.93 -2.93 6.47
C LEU A 107 12.35 -4.18 7.17
N ALA A 108 11.03 -4.24 7.27
CA ALA A 108 10.37 -5.37 7.93
C ALA A 108 10.65 -6.69 7.23
N LEU A 109 10.49 -6.71 5.90
CA LEU A 109 10.69 -7.92 5.09
C LEU A 109 12.18 -8.31 4.89
N SER A 110 13.08 -7.38 5.14
CA SER A 110 14.52 -7.69 5.23
C SER A 110 14.86 -8.52 6.47
N ASN A 111 14.02 -8.43 7.51
CA ASN A 111 14.25 -9.04 8.81
C ASN A 111 13.21 -10.05 9.29
N LEU A 112 12.11 -10.22 8.55
CA LEU A 112 11.03 -11.14 8.94
C LEU A 112 10.50 -11.98 7.77
N ASP A 113 9.99 -13.16 8.11
CA ASP A 113 9.30 -14.03 7.16
C ASP A 113 8.06 -13.33 6.59
N ALA A 114 7.79 -13.56 5.31
CA ALA A 114 6.69 -12.90 4.58
C ALA A 114 5.30 -13.17 5.19
N ALA A 115 5.04 -14.41 5.59
CA ALA A 115 3.79 -14.77 6.28
C ALA A 115 3.68 -14.07 7.64
N VAL A 116 4.80 -13.99 8.36
CA VAL A 116 4.89 -13.27 9.64
C VAL A 116 4.69 -11.76 9.43
N TYR A 117 5.16 -11.23 8.30
CA TYR A 117 4.85 -9.84 7.92
C TYR A 117 3.36 -9.66 7.60
N GLN A 118 2.81 -10.58 6.82
CA GLN A 118 1.42 -10.47 6.37
C GLN A 118 0.41 -10.43 7.50
N VAL A 119 0.48 -11.38 8.42
CA VAL A 119 -0.50 -11.44 9.52
C VAL A 119 -0.36 -10.25 10.48
N THR A 120 0.87 -9.81 10.73
CA THR A 120 1.13 -8.67 11.62
C THR A 120 0.68 -7.34 11.03
N TYR A 121 0.93 -7.14 9.73
CA TYR A 121 0.53 -5.92 9.04
C TYR A 121 -1.00 -5.74 8.94
N GLN A 122 -1.78 -6.83 9.14
CA GLN A 122 -3.26 -6.75 9.19
C GLN A 122 -3.84 -5.93 10.34
N LEU A 123 -3.05 -5.61 11.36
CA LEU A 123 -3.44 -4.63 12.39
C LEU A 123 -3.70 -3.21 11.82
N LYS A 124 -3.29 -2.96 10.57
CA LYS A 124 -3.70 -1.75 9.84
C LYS A 124 -5.22 -1.62 9.70
N ILE A 125 -5.94 -2.73 9.65
CA ILE A 125 -7.40 -2.73 9.48
C ILE A 125 -8.11 -2.00 10.65
N PRO A 126 -7.88 -2.42 11.92
CA PRO A 126 -8.43 -1.65 13.07
C PRO A 126 -7.91 -0.22 13.18
N CYS A 127 -6.63 -0.04 12.92
CA CYS A 127 -6.00 1.29 12.86
C CYS A 127 -6.73 2.20 11.87
N THR A 128 -6.95 1.69 10.65
CA THR A 128 -7.63 2.42 9.55
C THR A 128 -9.10 2.78 9.85
N ALA A 129 -9.79 1.88 10.55
CA ALA A 129 -11.16 2.12 11.00
C ALA A 129 -11.25 3.25 12.04
N LEU A 130 -10.34 3.18 13.02
CA LEU A 130 -10.26 4.20 14.06
C LEU A 130 -9.86 5.57 13.48
N CYS A 131 -8.90 5.58 12.55
CA CYS A 131 -8.53 6.80 11.83
C CYS A 131 -9.70 7.38 11.02
N THR A 132 -10.43 6.53 10.31
CA THR A 132 -11.64 6.93 9.56
C THR A 132 -12.66 7.61 10.47
N VAL A 133 -12.99 6.96 11.57
CA VAL A 133 -13.96 7.51 12.51
C VAL A 133 -13.49 8.87 13.05
N LEU A 134 -12.21 8.96 13.39
CA LEU A 134 -11.66 10.20 13.95
C LEU A 134 -11.50 11.33 12.94
N MET A 135 -10.98 11.03 11.74
CA MET A 135 -10.57 12.07 10.78
C MET A 135 -11.63 12.45 9.73
N LEU A 136 -12.54 11.53 9.40
CA LEU A 136 -13.54 11.78 8.34
C LEU A 136 -14.95 12.10 8.84
N ASN A 137 -15.12 12.32 10.14
CA ASN A 137 -16.43 12.68 10.72
C ASN A 137 -17.47 11.57 10.44
N ARG A 138 -17.06 10.33 10.71
CA ARG A 138 -17.89 9.16 10.43
C ARG A 138 -18.10 8.35 11.69
N THR A 139 -19.08 7.46 11.63
CA THR A 139 -19.50 6.66 12.77
C THR A 139 -19.65 5.18 12.36
N LEU A 140 -19.24 4.29 13.26
CA LEU A 140 -19.40 2.84 13.09
C LEU A 140 -20.14 2.24 14.29
N SER A 141 -21.21 1.51 14.00
CA SER A 141 -22.04 0.89 15.04
C SER A 141 -21.25 -0.16 15.84
N LYS A 142 -21.83 -0.62 16.95
CA LYS A 142 -21.28 -1.75 17.70
C LYS A 142 -21.04 -2.95 16.79
N LEU A 143 -22.02 -3.28 15.95
CA LEU A 143 -21.93 -4.41 15.00
C LEU A 143 -20.90 -4.20 13.87
N GLN A 144 -20.76 -2.96 13.39
CA GLN A 144 -19.73 -2.63 12.41
C GLN A 144 -18.31 -2.76 13.00
N TRP A 145 -18.12 -2.28 14.23
CA TRP A 145 -16.84 -2.52 14.95
C TRP A 145 -16.55 -4.02 15.14
N ILE A 146 -17.57 -4.80 15.49
CA ILE A 146 -17.43 -6.25 15.66
C ILE A 146 -16.95 -6.90 14.35
N SER A 147 -17.52 -6.47 13.23
CA SER A 147 -17.14 -7.00 11.91
C SER A 147 -15.70 -6.65 11.50
N VAL A 148 -15.22 -5.48 11.92
CA VAL A 148 -13.86 -5.03 11.61
C VAL A 148 -12.82 -5.91 12.29
N PHE A 149 -13.06 -6.22 13.56
CA PHE A 149 -12.17 -7.15 14.29
C PHE A 149 -12.29 -8.59 13.78
N MET A 150 -13.48 -8.99 13.34
CA MET A 150 -13.69 -10.31 12.75
C MET A 150 -12.94 -10.43 11.44
N LEU A 151 -12.99 -9.36 10.64
CA LEU A 151 -12.25 -9.26 9.37
C LEU A 151 -10.75 -9.44 9.60
N CYS A 152 -10.24 -8.71 10.60
CA CYS A 152 -8.84 -8.74 10.98
C CYS A 152 -8.39 -10.14 11.40
N GLY A 153 -9.20 -10.76 12.26
CA GLY A 153 -9.02 -12.17 12.65
C GLY A 153 -9.16 -13.16 11.51
N GLY A 154 -10.04 -12.85 10.55
CA GLY A 154 -10.23 -13.66 9.34
C GLY A 154 -9.04 -13.62 8.40
N VAL A 155 -8.58 -12.41 8.06
CA VAL A 155 -7.38 -12.24 7.23
C VAL A 155 -6.08 -12.71 7.92
N THR A 156 -6.02 -12.57 9.25
CA THR A 156 -4.96 -13.19 10.04
C THR A 156 -4.87 -14.70 9.76
N LEU A 157 -6.01 -15.39 9.86
CA LEU A 157 -6.10 -16.81 9.52
C LEU A 157 -5.86 -17.12 8.03
N VAL A 158 -6.36 -16.25 7.15
CA VAL A 158 -6.12 -16.39 5.69
C VAL A 158 -4.63 -16.33 5.36
N GLN A 159 -3.92 -15.39 5.98
CA GLN A 159 -2.51 -15.16 5.68
C GLN A 159 -1.54 -16.08 6.44
N TRP A 160 -2.02 -16.84 7.43
CA TRP A 160 -1.14 -17.67 8.28
C TRP A 160 -0.56 -18.85 7.50
N LYS A 161 0.73 -19.12 7.74
CA LYS A 161 1.49 -20.15 7.00
C LYS A 161 2.73 -20.56 7.80
N PRO A 162 3.31 -21.75 7.49
CA PRO A 162 4.60 -22.12 8.12
C PRO A 162 5.77 -21.27 7.60
N ALA A 163 6.88 -21.28 8.32
CA ALA A 163 8.10 -20.60 7.89
C ALA A 163 8.80 -21.41 6.81
N VAL A 168 16.70 -17.05 5.58
CA VAL A 168 17.75 -16.19 5.08
C VAL A 168 19.15 -16.78 5.25
N VAL A 169 20.09 -16.29 4.44
CA VAL A 169 21.52 -16.50 4.63
C VAL A 169 22.21 -15.14 4.82
N VAL A 170 21.44 -14.18 5.35
CA VAL A 170 21.87 -12.81 5.65
C VAL A 170 21.55 -12.64 7.14
N ALA A 171 22.20 -11.69 7.80
CA ALA A 171 21.87 -11.38 9.19
C ALA A 171 20.45 -10.81 9.30
N GLN A 172 19.75 -11.15 10.38
CA GLN A 172 18.37 -10.70 10.60
C GLN A 172 18.10 -10.27 12.03
N ASN A 173 17.12 -9.39 12.17
CA ASN A 173 16.77 -8.75 13.44
C ASN A 173 15.24 -8.67 13.54
N PRO A 174 14.59 -9.81 13.83
CA PRO A 174 13.15 -9.87 14.03
C PRO A 174 12.54 -8.72 14.85
N LEU A 175 13.17 -8.35 15.97
CA LEU A 175 12.72 -7.21 16.77
C LEU A 175 12.61 -5.93 15.95
N LEU A 176 13.69 -5.61 15.23
CA LEU A 176 13.69 -4.46 14.32
C LEU A 176 12.61 -4.59 13.25
N GLY A 177 12.44 -5.81 12.72
CA GLY A 177 11.37 -6.11 11.79
C GLY A 177 9.98 -5.78 12.33
N PHE A 178 9.71 -6.19 13.57
CA PHE A 178 8.42 -5.91 14.24
C PHE A 178 8.25 -4.43 14.60
N GLY A 179 9.34 -3.74 14.94
CA GLY A 179 9.30 -2.31 15.16
C GLY A 179 8.80 -1.58 13.93
N ALA A 180 9.34 -1.98 12.78
CA ALA A 180 8.98 -1.41 11.49
C ALA A 180 7.53 -1.66 11.08
N ILE A 181 6.97 -2.81 11.43
CA ILE A 181 5.56 -3.09 11.15
C ILE A 181 4.64 -2.22 12.02
N ALA A 182 5.03 -1.98 13.27
CA ALA A 182 4.27 -1.08 14.15
C ALA A 182 4.23 0.34 13.59
N ILE A 183 5.36 0.82 13.08
CA ILE A 183 5.42 2.15 12.46
C ILE A 183 4.56 2.18 11.19
N ALA A 184 4.67 1.15 10.35
CA ALA A 184 3.93 1.09 9.09
C ALA A 184 2.41 0.96 9.28
N VAL A 185 1.99 0.23 10.32
CA VAL A 185 0.55 0.08 10.64
C VAL A 185 -0.07 1.43 11.01
N LEU A 186 0.61 2.19 11.86
CA LEU A 186 0.18 3.54 12.21
C LEU A 186 0.16 4.46 10.98
N CYS A 187 1.20 4.35 10.15
CA CYS A 187 1.30 5.13 8.92
C CYS A 187 0.19 4.84 7.91
N SER A 188 -0.22 3.57 7.84
CA SER A 188 -1.23 3.12 6.89
C SER A 188 -2.59 3.76 7.15
N GLY A 189 -3.05 3.68 8.40
CA GLY A 189 -4.31 4.26 8.81
C GLY A 189 -4.33 5.75 8.60
N PHE A 190 -3.32 6.44 9.13
CA PHE A 190 -3.26 7.90 9.09
C PHE A 190 -3.12 8.48 7.67
N ALA A 191 -2.10 8.06 6.93
CA ALA A 191 -1.85 8.59 5.58
C ALA A 191 -2.98 8.28 4.56
N GLY A 192 -3.51 7.06 4.62
CA GLY A 192 -4.63 6.65 3.77
C GLY A 192 -5.88 7.50 3.96
N VAL A 193 -6.25 7.72 5.22
CA VAL A 193 -7.45 8.50 5.56
C VAL A 193 -7.26 10.00 5.29
N TYR A 194 -6.04 10.50 5.49
CA TYR A 194 -5.70 11.89 5.15
C TYR A 194 -5.89 12.15 3.64
N PHE A 195 -5.43 11.20 2.82
CA PHE A 195 -5.59 11.30 1.36
C PHE A 195 -7.06 11.36 0.96
N GLU A 196 -7.83 10.40 1.47
CA GLU A 196 -9.28 10.31 1.25
C GLU A 196 -10.03 11.60 1.61
N LYS A 197 -9.73 12.15 2.78
CA LYS A 197 -10.28 13.44 3.22
C LYS A 197 -10.09 14.52 2.16
N VAL A 198 -8.85 14.66 1.70
CA VAL A 198 -8.50 15.64 0.67
C VAL A 198 -9.17 15.28 -0.66
N LEU A 199 -9.14 14.01 -1.00
CA LEU A 199 -9.76 13.53 -2.25
C LEU A 199 -11.25 13.84 -2.32
N LYS A 200 -11.95 13.64 -1.22
CA LYS A 200 -13.41 13.81 -1.20
C LYS A 200 -13.89 15.21 -0.76
N SER A 201 -12.96 16.12 -0.48
CA SER A 201 -13.33 17.49 -0.09
C SER A 201 -13.67 18.41 -1.28
N SER A 202 -13.32 17.99 -2.49
CA SER A 202 -13.66 18.76 -3.70
C SER A 202 -13.94 17.82 -4.87
N ASP A 203 -14.31 18.41 -6.01
CA ASP A 203 -14.51 17.65 -7.27
C ASP A 203 -13.23 17.45 -8.10
N THR A 204 -12.11 18.02 -7.66
CA THR A 204 -10.81 17.83 -8.30
C THR A 204 -10.49 16.36 -8.60
N SER A 205 -9.98 16.10 -9.80
CA SER A 205 -9.64 14.76 -10.28
C SER A 205 -8.77 13.93 -9.32
N LEU A 206 -9.06 12.64 -9.24
CA LEU A 206 -8.21 11.66 -8.55
C LEU A 206 -6.76 11.77 -8.97
N TRP A 207 -6.53 11.92 -10.28
CA TRP A 207 -5.19 11.89 -10.86
C TRP A 207 -4.41 13.18 -10.61
N VAL A 208 -5.13 14.29 -10.42
CA VAL A 208 -4.54 15.54 -9.88
C VAL A 208 -4.06 15.34 -8.45
N ARG A 209 -4.91 14.73 -7.61
CA ARG A 209 -4.56 14.46 -6.20
C ARG A 209 -3.34 13.60 -6.08
N ASN A 210 -3.29 12.53 -6.86
CA ASN A 210 -2.11 11.67 -6.94
C ASN A 210 -0.87 12.43 -7.40
N ILE A 211 -0.99 13.27 -8.42
CA ILE A 211 0.15 14.08 -8.93
C ILE A 211 0.62 15.07 -7.87
N GLN A 212 -0.31 15.83 -7.30
CA GLN A 212 -0.04 16.72 -6.16
C GLN A 212 0.76 16.02 -5.05
N MET A 213 0.38 14.79 -4.75
CA MET A 213 0.99 14.00 -3.69
C MET A 213 2.35 13.43 -4.08
N TYR A 214 2.42 12.73 -5.22
CA TYR A 214 3.65 12.06 -5.64
C TYR A 214 4.79 13.03 -5.95
N LEU A 215 4.45 14.28 -6.29
CA LEU A 215 5.45 15.34 -6.45
C LEU A 215 6.27 15.55 -5.18
N SER A 216 5.58 15.77 -4.05
CA SER A 216 6.23 15.85 -2.74
C SER A 216 6.86 14.50 -2.33
N GLY A 217 6.16 13.39 -2.59
CA GLY A 217 6.67 12.03 -2.38
C GLY A 217 8.05 11.77 -2.96
N ILE A 218 8.27 12.18 -4.21
CA ILE A 218 9.59 12.07 -4.86
C ILE A 218 10.68 12.83 -4.07
N VAL A 219 10.35 14.02 -3.57
CA VAL A 219 11.30 14.86 -2.86
C VAL A 219 11.65 14.27 -1.49
N VAL A 220 10.61 13.94 -0.72
CA VAL A 220 10.77 13.39 0.62
C VAL A 220 11.49 12.04 0.57
N THR A 221 11.13 11.18 -0.37
CA THR A 221 11.75 9.87 -0.51
C THR A 221 13.21 9.99 -0.93
N LEU A 222 13.51 10.88 -1.88
CA LEU A 222 14.89 11.09 -2.32
C LEU A 222 15.75 11.70 -1.22
N ALA A 223 15.16 12.61 -0.44
CA ALA A 223 15.85 13.20 0.71
C ALA A 223 16.18 12.15 1.76
N GLY A 224 15.26 11.21 1.98
CA GLY A 224 15.48 10.11 2.92
C GLY A 224 16.61 9.20 2.50
N THR A 225 16.64 8.89 1.20
CA THR A 225 17.73 8.14 0.59
C THR A 225 19.09 8.79 0.86
N TYR A 226 19.15 10.09 0.62
CA TYR A 226 20.36 10.86 0.83
C TYR A 226 20.81 10.87 2.29
N LEU A 227 19.83 10.99 3.19
CA LEU A 227 20.13 11.05 4.62
C LEU A 227 20.45 9.68 5.24
N SER A 228 19.79 8.61 4.77
CA SER A 228 20.08 7.25 5.26
C SER A 228 21.32 6.62 4.61
N ASP A 229 21.37 6.69 3.28
CA ASP A 229 22.31 5.90 2.48
C ASP A 229 23.17 6.75 1.54
N GLY A 230 23.20 8.07 1.73
CA GLY A 230 23.95 8.98 0.85
C GLY A 230 25.43 8.67 0.76
N ALA A 231 26.06 8.49 1.92
CA ALA A 231 27.49 8.18 2.00
C ALA A 231 27.83 6.90 1.26
N GLU A 232 27.14 5.81 1.60
CA GLU A 232 27.40 4.52 0.99
C GLU A 232 27.00 4.46 -0.49
N ILE A 233 25.99 5.25 -0.89
CA ILE A 233 25.62 5.41 -2.33
C ILE A 233 26.69 6.16 -3.14
N GLN A 234 27.35 7.15 -2.54
CA GLN A 234 28.51 7.82 -3.17
C GLN A 234 29.68 6.83 -3.39
N GLU A 235 29.81 5.86 -2.49
CA GLU A 235 30.78 4.77 -2.64
C GLU A 235 30.33 3.75 -3.68
N LYS A 236 29.06 3.32 -3.62
CA LYS A 236 28.56 2.15 -4.38
C LYS A 236 27.60 2.40 -5.56
N GLY A 237 26.93 3.55 -5.59
CA GLY A 237 25.99 3.90 -6.67
C GLY A 237 24.52 3.69 -6.32
N PHE A 238 23.67 4.60 -6.81
CA PHE A 238 22.21 4.63 -6.56
C PHE A 238 21.55 3.29 -6.83
N PHE A 239 21.80 2.76 -8.03
CA PHE A 239 21.21 1.50 -8.51
C PHE A 239 22.08 0.24 -8.22
N TYR A 240 22.98 0.33 -7.24
CA TYR A 240 23.76 -0.84 -6.79
C TYR A 240 22.81 -1.94 -6.31
N GLY A 241 23.07 -3.17 -6.75
CA GLY A 241 22.28 -4.34 -6.32
C GLY A 241 20.98 -4.59 -7.07
N TYR A 242 20.66 -3.74 -8.05
CA TYR A 242 19.39 -3.83 -8.76
C TYR A 242 19.41 -5.01 -9.75
N THR A 243 18.32 -5.77 -9.76
CA THR A 243 18.15 -6.96 -10.58
C THR A 243 16.80 -6.85 -11.29
N TYR A 244 16.48 -7.83 -12.12
CA TYR A 244 15.15 -7.95 -12.71
C TYR A 244 14.09 -8.00 -11.62
N TYR A 245 14.37 -8.70 -10.51
CA TYR A 245 13.42 -8.81 -9.40
C TYR A 245 13.20 -7.53 -8.59
N VAL A 246 14.23 -6.68 -8.48
CA VAL A 246 14.08 -5.41 -7.77
C VAL A 246 13.15 -4.46 -8.55
N TRP A 247 13.27 -4.43 -9.88
CA TRP A 247 12.37 -3.64 -10.72
C TRP A 247 10.94 -4.20 -10.70
N PHE A 248 10.81 -5.52 -10.62
CA PHE A 248 9.50 -6.16 -10.48
C PHE A 248 8.79 -5.67 -9.22
N VAL A 249 9.51 -5.62 -8.11
CA VAL A 249 9.00 -5.13 -6.81
C VAL A 249 8.53 -3.67 -6.92
N ILE A 250 9.35 -2.86 -7.57
CA ILE A 250 9.04 -1.43 -7.83
C ILE A 250 7.80 -1.28 -8.72
N PHE A 251 7.77 -2.04 -9.83
CA PHE A 251 6.59 -2.10 -10.70
C PHE A 251 5.32 -2.47 -9.93
N LEU A 252 5.40 -3.52 -9.08
CA LEU A 252 4.27 -3.96 -8.26
C LEU A 252 3.82 -2.94 -7.22
N ALA A 253 4.79 -2.26 -6.59
CA ALA A 253 4.50 -1.19 -5.63
C ALA A 253 3.79 0.00 -6.27
N SER A 254 4.20 0.31 -7.51
CA SER A 254 3.62 1.44 -8.27
C SER A 254 2.17 1.17 -8.65
N VAL A 255 1.92 -0.02 -9.19
CA VAL A 255 0.58 -0.45 -9.61
C VAL A 255 -0.34 -0.59 -8.39
N GLY A 256 0.15 -1.24 -7.34
CA GLY A 256 -0.58 -1.36 -6.09
C GLY A 256 -0.91 -0.03 -5.43
N GLY A 257 0.03 0.92 -5.50
CA GLY A 257 -0.19 2.26 -4.97
C GLY A 257 -1.31 2.99 -5.71
N LEU A 258 -1.22 2.98 -7.04
CA LEU A 258 -2.21 3.63 -7.89
C LEU A 258 -3.59 2.99 -7.72
N TYR A 259 -3.64 1.66 -7.70
CA TYR A 259 -4.91 0.95 -7.57
C TYR A 259 -5.51 1.03 -6.16
N THR A 260 -4.67 1.22 -5.14
CA THR A 260 -5.15 1.57 -3.79
C THR A 260 -5.94 2.90 -3.82
N SER A 261 -5.43 3.89 -4.57
CA SER A 261 -6.08 5.21 -4.65
C SER A 261 -7.45 5.15 -5.34
N VAL A 262 -7.58 4.29 -6.35
CA VAL A 262 -8.85 4.09 -7.06
C VAL A 262 -9.90 3.45 -6.15
N VAL A 263 -9.47 2.45 -5.38
CA VAL A 263 -10.32 1.79 -4.38
C VAL A 263 -10.85 2.78 -3.33
N VAL A 264 -10.01 3.73 -2.90
CA VAL A 264 -10.42 4.76 -1.93
C VAL A 264 -11.46 5.73 -2.55
N LYS A 265 -11.26 6.05 -3.83
CA LYS A 265 -12.16 6.94 -4.58
C LYS A 265 -13.58 6.34 -4.67
N TYR A 266 -13.69 5.12 -5.17
CA TYR A 266 -15.00 4.48 -5.39
C TYR A 266 -15.66 3.89 -4.14
N THR A 267 -14.86 3.56 -3.12
CA THR A 267 -15.39 3.11 -1.83
C THR A 267 -14.79 3.99 -0.71
N ASP A 268 -13.94 3.42 0.15
CA ASP A 268 -13.26 4.17 1.22
C ASP A 268 -12.11 3.33 1.81
N ASN A 269 -11.40 3.86 2.80
CA ASN A 269 -10.28 3.13 3.42
C ASN A 269 -10.69 1.93 4.29
N ILE A 270 -11.92 1.92 4.81
CA ILE A 270 -12.46 0.76 5.54
C ILE A 270 -12.88 -0.34 4.57
N MET A 271 -13.63 0.03 3.54
CA MET A 271 -14.02 -0.90 2.45
C MET A 271 -12.83 -1.46 1.65
N LYS A 272 -11.70 -0.74 1.66
CA LYS A 272 -10.43 -1.26 1.12
C LYS A 272 -10.02 -2.59 1.80
N GLY A 273 -10.19 -2.68 3.11
CA GLY A 273 -9.85 -3.90 3.86
C GLY A 273 -10.76 -5.08 3.57
N PHE A 274 -12.07 -4.84 3.60
CA PHE A 274 -13.08 -5.87 3.26
C PHE A 274 -12.93 -6.40 1.83
N SER A 275 -12.73 -5.48 0.88
CA SER A 275 -12.63 -5.81 -0.55
C SER A 275 -11.33 -6.50 -0.92
N ALA A 276 -10.23 -6.10 -0.27
CA ALA A 276 -8.94 -6.79 -0.42
C ALA A 276 -9.00 -8.18 0.19
N ALA A 277 -9.62 -8.30 1.36
CA ALA A 277 -9.81 -9.60 2.01
C ALA A 277 -10.65 -10.55 1.15
N ALA A 278 -11.78 -10.04 0.66
CA ALA A 278 -12.69 -10.80 -0.23
C ALA A 278 -11.99 -11.28 -1.50
N ALA A 279 -11.17 -10.41 -2.06
CA ALA A 279 -10.46 -10.70 -3.30
C ALA A 279 -9.40 -11.80 -3.15
N ILE A 280 -8.66 -11.79 -2.05
CA ILE A 280 -7.66 -12.84 -1.75
C ILE A 280 -8.36 -14.20 -1.55
N VAL A 281 -9.50 -14.18 -0.86
CA VAL A 281 -10.28 -15.38 -0.61
C VAL A 281 -10.79 -15.98 -1.93
N LEU A 282 -11.45 -15.16 -2.75
CA LEU A 282 -12.04 -15.61 -4.01
C LEU A 282 -11.00 -16.04 -5.05
N SER A 283 -9.90 -15.31 -5.15
CA SER A 283 -8.82 -15.66 -6.08
C SER A 283 -8.09 -16.94 -5.67
N THR A 284 -7.93 -17.16 -4.36
CA THR A 284 -7.39 -18.43 -3.85
C THR A 284 -8.34 -19.59 -4.09
N ILE A 285 -9.64 -19.35 -3.89
CA ILE A 285 -10.69 -20.34 -4.21
C ILE A 285 -10.72 -20.65 -5.72
N ALA A 286 -10.57 -19.62 -6.55
CA ALA A 286 -10.48 -19.80 -8.00
C ALA A 286 -9.31 -20.71 -8.39
N SER A 287 -8.14 -20.46 -7.80
CA SER A 287 -6.94 -21.27 -8.05
C SER A 287 -7.00 -22.69 -7.48
N VAL A 288 -7.83 -22.92 -6.45
CA VAL A 288 -8.09 -24.28 -5.96
C VAL A 288 -8.82 -25.09 -7.04
N LEU A 289 -9.83 -24.49 -7.65
CA LEU A 289 -10.66 -25.17 -8.64
C LEU A 289 -10.00 -25.25 -10.04
N LEU A 290 -9.26 -24.22 -10.43
CA LEU A 290 -8.58 -24.19 -11.76
C LEU A 290 -7.24 -24.92 -11.81
N PHE A 291 -6.48 -24.90 -10.72
CA PHE A 291 -5.08 -25.38 -10.72
C PHE A 291 -4.75 -26.44 -9.67
N GLY A 292 -5.74 -26.91 -8.91
CA GLY A 292 -5.50 -27.84 -7.82
C GLY A 292 -4.59 -27.30 -6.71
N LEU A 293 -4.70 -25.99 -6.44
CA LEU A 293 -3.97 -25.34 -5.35
C LEU A 293 -4.46 -25.88 -4.01
N GLN A 294 -3.52 -26.26 -3.14
CA GLN A 294 -3.83 -26.79 -1.81
C GLN A 294 -3.84 -25.68 -0.77
N ILE A 295 -4.81 -25.73 0.14
CA ILE A 295 -5.01 -24.67 1.16
C ILE A 295 -4.99 -25.26 2.57
N THR A 296 -4.83 -24.37 3.55
CA THR A 296 -4.80 -24.78 4.96
C THR A 296 -6.22 -24.73 5.56
N LEU A 297 -6.38 -25.38 6.71
CA LEU A 297 -7.58 -25.23 7.53
C LEU A 297 -7.72 -23.78 8.01
N SER A 298 -6.59 -23.14 8.35
CA SER A 298 -6.57 -21.73 8.76
C SER A 298 -7.22 -20.85 7.69
N PHE A 299 -6.78 -21.03 6.44
CA PHE A 299 -7.38 -20.31 5.32
C PHE A 299 -8.90 -20.50 5.26
N ALA A 300 -9.35 -21.76 5.33
CA ALA A 300 -10.77 -22.11 5.18
C ALA A 300 -11.62 -21.43 6.24
N LEU A 301 -11.17 -21.47 7.49
CA LEU A 301 -11.86 -20.76 8.58
C LEU A 301 -11.75 -19.24 8.40
N GLY A 302 -10.55 -18.77 8.09
CA GLY A 302 -10.32 -17.36 7.83
C GLY A 302 -11.25 -16.81 6.77
N ALA A 303 -11.42 -17.59 5.70
CA ALA A 303 -12.29 -17.23 4.59
C ALA A 303 -13.75 -17.08 5.02
N LEU A 304 -14.23 -18.01 5.87
CA LEU A 304 -15.61 -17.94 6.37
C LEU A 304 -15.87 -16.72 7.26
N LEU A 305 -14.89 -16.33 8.06
CA LEU A 305 -15.02 -15.12 8.90
C LEU A 305 -14.96 -13.82 8.09
N VAL A 306 -14.18 -13.82 7.00
CA VAL A 306 -14.15 -12.69 6.05
C VAL A 306 -15.55 -12.49 5.43
N CYS A 307 -16.20 -13.58 5.06
CA CYS A 307 -17.56 -13.53 4.49
C CYS A 307 -18.58 -12.97 5.49
N VAL A 308 -18.59 -13.54 6.70
CA VAL A 308 -19.50 -13.08 7.77
C VAL A 308 -19.26 -11.60 8.10
N SER A 309 -17.99 -11.19 8.20
CA SER A 309 -17.63 -9.80 8.51
C SER A 309 -18.17 -8.79 7.46
N ILE A 310 -18.03 -9.14 6.18
CA ILE A 310 -18.59 -8.35 5.06
C ILE A 310 -20.11 -8.25 5.20
N TYR A 311 -20.74 -9.38 5.48
CA TYR A 311 -22.18 -9.45 5.71
C TYR A 311 -22.57 -8.51 6.84
N LEU A 312 -21.99 -8.72 8.02
CA LEU A 312 -22.27 -7.91 9.20
C LEU A 312 -22.05 -6.42 8.95
N TYR A 313 -20.91 -6.08 8.35
CA TYR A 313 -20.57 -4.68 8.07
C TYR A 313 -21.62 -3.99 7.18
N GLY A 314 -22.15 -4.72 6.20
CA GLY A 314 -23.10 -4.18 5.24
C GLY A 314 -24.56 -4.04 5.67
N LEU A 315 -24.90 -4.46 6.88
CA LEU A 315 -26.29 -4.42 7.35
C LEU A 315 -26.74 -2.98 7.67
N PRO A 316 -28.08 -2.74 7.66
CA PRO A 316 -28.66 -1.48 8.16
C PRO A 316 -28.35 -1.21 9.64
N ARG A 317 -28.11 0.07 9.98
CA ARG A 317 -27.74 0.45 11.35
C ARG A 317 -28.97 0.54 12.23
O3P C5P B . -3.13 0.15 1.88
P C5P B . -1.77 0.30 2.52
O1P C5P B . -1.56 1.47 3.47
O2P C5P B . -1.19 -1.00 3.05
O5' C5P B . -0.84 0.64 1.28
C5' C5P B . -0.98 1.90 0.65
C4' C5P B . 0.00 1.95 -0.50
O4' C5P B . -0.62 2.72 -1.53
C3' C5P B . 1.30 2.64 -0.17
O3' C5P B . 2.36 1.97 -0.86
C2' C5P B . 1.12 4.07 -0.67
O2' C5P B . 2.34 4.67 -1.08
C1' C5P B . 0.21 3.84 -1.86
N1 C5P B . -0.66 4.95 -2.24
C2 C5P B . -0.42 5.66 -3.44
N3 C5P B . -1.24 6.66 -3.81
C4 C5P B . -2.28 7.01 -3.04
C5 C5P B . -2.55 6.33 -1.86
C6 C5P B . -1.72 5.28 -1.47
O2 C5P B . 0.54 5.38 -4.19
N4 C5P B . -3.08 8.03 -3.45
#